data_6MBB
#
_entry.id   6MBB
#
_cell.length_a   43.223
_cell.length_b   42.920
_cell.length_c   47.718
_cell.angle_alpha   90.000
_cell.angle_beta   115.960
_cell.angle_gamma   90.000
#
_symmetry.space_group_name_H-M   'P 1 21 1'
#
loop_
_entity.id
_entity.type
_entity.pdbx_description
1 polymer 'Bcl-2-related protein A1'
2 polymer dF1
3 water water
#
loop_
_entity_poly.entity_id
_entity_poly.type
_entity_poly.pdbx_seq_one_letter_code
_entity_poly.pdbx_strand_id
1 'polypeptide(L)'
;GMTDCEFGYIYRLAQDYLQCVLQIPQPGSGPSKTSRVLQNVAFSVQKEVEKNLKSCLDNVNVVSVDTARTLFNQVMEKEF
EDGIINWGRIVTIFAFEGILIKKLLRQQIAPDVDTYKEISYFVAEFIMNNTGEWIRQNGGWENGFVKKFEPK
;
A
2 'polypeptide(L)' (ACE)SYVDKIADVMREVAEKINSDLT(NH2) B
#
loop_
_chem_comp.id
_chem_comp.type
_chem_comp.name
_chem_comp.formula
ACE non-polymer 'ACETYL GROUP' 'C2 H4 O'
NH2 non-polymer 'AMINO GROUP' 'H2 N'
#
# COMPACT_ATOMS: atom_id res chain seq x y z
N GLY A 1 9.76 -14.24 8.89
CA GLY A 1 9.41 -15.05 10.10
C GLY A 1 8.10 -14.65 10.73
N MET A 2 7.79 -15.24 11.88
CA MET A 2 6.51 -14.96 12.53
C MET A 2 6.45 -13.53 13.04
N THR A 3 7.59 -12.91 13.33
CA THR A 3 7.61 -11.55 13.84
C THR A 3 7.57 -10.50 12.76
N ASP A 4 7.55 -10.87 11.48
CA ASP A 4 7.49 -9.84 10.45
C ASP A 4 6.12 -9.17 10.36
N CYS A 5 5.18 -9.52 11.24
CA CYS A 5 3.92 -8.80 11.35
C CYS A 5 3.96 -7.75 12.44
N GLU A 6 5.11 -7.53 13.08
CA GLU A 6 5.28 -6.45 14.03
C GLU A 6 5.55 -5.13 13.29
N PHE A 7 5.37 -4.04 14.02
CA PHE A 7 5.32 -2.73 13.37
C PHE A 7 6.58 -2.43 12.58
N GLY A 8 7.76 -2.72 13.15
CA GLY A 8 8.99 -2.27 12.53
C GLY A 8 9.21 -2.82 11.12
N TYR A 9 8.89 -4.11 10.92
CA TYR A 9 9.03 -4.73 9.61
C TYR A 9 8.06 -4.12 8.61
N ILE A 10 6.80 -3.92 9.02
CA ILE A 10 5.79 -3.38 8.12
C ILE A 10 6.11 -1.93 7.77
N TYR A 11 6.55 -1.14 8.75
CA TYR A 11 6.95 0.24 8.49
C TYR A 11 8.05 0.29 7.45
N ARG A 12 9.06 -0.58 7.58
CA ARG A 12 10.13 -0.63 6.59
C ARG A 12 9.58 -0.98 5.21
N LEU A 13 8.63 -1.92 5.13
CA LEU A 13 8.02 -2.22 3.84
C LEU A 13 7.33 -0.99 3.27
N ALA A 14 6.55 -0.30 4.09
CA ALA A 14 5.81 0.85 3.59
C ALA A 14 6.75 1.97 3.17
N GLN A 15 7.81 2.20 3.95
CA GLN A 15 8.79 3.23 3.59
C GLN A 15 9.54 2.86 2.32
N ASP A 16 9.99 1.60 2.23
CA ASP A 16 10.65 1.11 1.02
C ASP A 16 9.81 1.38 -0.23
N TYR A 17 8.50 1.11 -0.17
CA TYR A 17 7.70 1.29 -1.37
C TYR A 17 7.60 2.77 -1.75
N LEU A 18 7.42 3.66 -0.78
CA LEU A 18 7.35 5.08 -1.11
C LEU A 18 8.68 5.59 -1.64
N GLN A 19 9.81 5.09 -1.09
CA GLN A 19 11.12 5.47 -1.62
C GLN A 19 11.28 5.00 -3.05
N CYS A 20 10.69 3.87 -3.39
CA CYS A 20 10.72 3.40 -4.77
C CYS A 20 9.89 4.33 -5.66
N VAL A 21 8.68 4.69 -5.21
CA VAL A 21 7.81 5.55 -6.01
C VAL A 21 8.47 6.89 -6.25
N LEU A 22 9.07 7.46 -5.20
CA LEU A 22 9.72 8.76 -5.26
C LEU A 22 11.11 8.72 -5.87
N GLN A 23 11.62 7.54 -6.23
CA GLN A 23 12.94 7.41 -6.88
C GLN A 23 14.07 7.90 -5.97
N ILE A 24 13.99 7.54 -4.69
CA ILE A 24 15.08 7.80 -3.76
C ILE A 24 15.46 6.53 -3.02
N PRO A 25 15.87 5.47 -3.71
CA PRO A 25 16.34 4.26 -2.99
C PRO A 25 17.50 4.61 -2.09
N GLN A 26 17.44 4.12 -0.85
N GLN A 26 17.44 4.12 -0.84
CA GLN A 26 18.47 4.48 0.12
CA GLN A 26 18.46 4.45 0.15
C GLN A 26 19.72 3.62 -0.07
C GLN A 26 19.71 3.60 -0.06
N PRO A 27 20.90 4.16 0.24
CA PRO A 27 22.14 3.42 -0.01
C PRO A 27 22.22 2.11 0.76
N GLY A 28 22.98 1.18 0.21
CA GLY A 28 23.19 -0.14 0.78
C GLY A 28 23.19 -1.19 -0.30
N SER A 29 22.97 -2.44 0.11
CA SER A 29 22.83 -3.53 -0.85
C SER A 29 21.43 -3.62 -1.43
N GLY A 30 20.47 -2.87 -0.88
CA GLY A 30 19.12 -2.86 -1.40
C GLY A 30 18.11 -3.30 -0.38
N PRO A 31 16.83 -3.28 -0.76
CA PRO A 31 15.76 -3.71 0.16
C PRO A 31 15.73 -5.22 0.34
N SER A 32 14.86 -5.69 1.23
CA SER A 32 14.68 -7.12 1.44
C SER A 32 14.03 -7.75 0.22
N LYS A 33 14.16 -9.08 0.13
N LYS A 33 14.15 -9.08 0.13
CA LYS A 33 13.49 -9.82 -0.92
CA LYS A 33 13.48 -9.78 -0.96
C LYS A 33 11.98 -9.56 -0.91
C LYS A 33 11.97 -9.56 -0.91
N THR A 34 11.40 -9.44 0.30
CA THR A 34 9.98 -9.12 0.40
C THR A 34 9.67 -7.81 -0.31
N SER A 35 10.38 -6.74 0.05
CA SER A 35 10.17 -5.45 -0.59
C SER A 35 10.38 -5.53 -2.09
N ARG A 36 11.41 -6.25 -2.53
CA ARG A 36 11.69 -6.33 -3.96
C ARG A 36 10.54 -6.98 -4.72
N VAL A 37 9.95 -8.03 -4.16
CA VAL A 37 8.79 -8.66 -4.78
C VAL A 37 7.57 -7.75 -4.70
N LEU A 38 7.36 -7.13 -3.54
CA LEU A 38 6.20 -6.27 -3.34
C LEU A 38 6.22 -5.09 -4.30
N GLN A 39 7.40 -4.57 -4.64
N GLN A 39 7.41 -4.53 -4.56
CA GLN A 39 7.44 -3.32 -5.39
CA GLN A 39 7.54 -3.36 -5.44
C GLN A 39 6.86 -3.47 -6.80
C GLN A 39 6.76 -3.55 -6.74
N ASN A 40 7.08 -4.62 -7.47
CA ASN A 40 6.54 -4.77 -8.80
C ASN A 40 5.03 -5.00 -8.76
N VAL A 41 4.58 -5.83 -7.82
CA VAL A 41 3.17 -6.14 -7.74
C VAL A 41 2.37 -4.90 -7.35
N ALA A 42 2.84 -4.17 -6.34
CA ALA A 42 2.13 -2.98 -5.89
C ALA A 42 2.12 -1.90 -6.97
N PHE A 43 3.23 -1.75 -7.71
CA PHE A 43 3.25 -0.71 -8.74
C PHE A 43 2.31 -1.05 -9.89
N SER A 44 2.24 -2.33 -10.27
CA SER A 44 1.28 -2.72 -11.30
C SER A 44 -0.14 -2.37 -10.87
N VAL A 45 -0.48 -2.68 -9.61
CA VAL A 45 -1.77 -2.32 -9.04
C VAL A 45 -1.94 -0.81 -9.02
N GLN A 46 -0.90 -0.08 -8.62
CA GLN A 46 -1.00 1.37 -8.52
C GLN A 46 -1.36 1.98 -9.87
N LYS A 47 -0.71 1.54 -10.94
CA LYS A 47 -1.01 2.11 -12.26
C LYS A 47 -2.44 1.82 -12.68
N GLU A 48 -2.94 0.62 -12.39
N GLU A 48 -2.94 0.61 -12.38
CA GLU A 48 -4.32 0.26 -12.72
CA GLU A 48 -4.32 0.28 -12.74
C GLU A 48 -5.31 1.09 -11.92
C GLU A 48 -5.31 1.09 -11.92
N VAL A 49 -5.05 1.26 -10.62
CA VAL A 49 -5.97 2.05 -9.80
C VAL A 49 -5.98 3.51 -10.24
N GLU A 50 -4.78 4.06 -10.51
CA GLU A 50 -4.70 5.43 -11.01
C GLU A 50 -5.50 5.59 -12.29
N LYS A 51 -5.43 4.60 -13.19
CA LYS A 51 -6.19 4.68 -14.43
C LYS A 51 -7.69 4.64 -14.16
N ASN A 52 -8.13 3.71 -13.31
CA ASN A 52 -9.55 3.51 -13.09
C ASN A 52 -10.18 4.60 -12.24
N LEU A 53 -9.39 5.45 -11.59
CA LEU A 53 -9.91 6.51 -10.75
C LEU A 53 -9.44 7.90 -11.18
N LYS A 54 -8.95 8.04 -12.42
CA LYS A 54 -8.37 9.32 -12.83
C LYS A 54 -9.32 10.48 -12.54
N SER A 55 -10.58 10.38 -12.98
CA SER A 55 -11.52 11.47 -12.79
C SER A 55 -11.78 11.71 -11.31
N CYS A 56 -11.99 10.65 -10.54
CA CYS A 56 -12.29 10.79 -9.12
C CYS A 56 -11.12 11.45 -8.39
N LEU A 57 -9.91 10.96 -8.64
CA LEU A 57 -8.75 11.47 -7.90
C LEU A 57 -8.38 12.87 -8.33
N ASP A 58 -8.63 13.24 -9.57
CA ASP A 58 -8.36 14.60 -10.01
C ASP A 58 -9.25 15.61 -9.28
N ASN A 59 -10.37 15.17 -8.69
CA ASN A 59 -11.26 16.03 -7.94
C ASN A 59 -10.94 16.06 -6.45
N VAL A 60 -9.81 15.49 -6.04
CA VAL A 60 -9.39 15.49 -4.65
C VAL A 60 -8.03 16.18 -4.59
N ASN A 61 -7.92 17.25 -3.81
CA ASN A 61 -6.66 17.98 -3.66
C ASN A 61 -6.02 17.55 -2.35
N VAL A 62 -4.96 16.77 -2.46
CA VAL A 62 -4.30 16.20 -1.27
C VAL A 62 -3.25 17.22 -0.86
N VAL A 63 -3.70 18.22 -0.09
CA VAL A 63 -2.88 19.39 0.18
C VAL A 63 -2.10 19.30 1.47
N SER A 64 -2.28 18.23 2.24
CA SER A 64 -1.58 18.09 3.50
C SER A 64 -1.52 16.63 3.89
N VAL A 65 -0.64 16.35 4.85
CA VAL A 65 -0.57 15.01 5.42
C VAL A 65 -1.87 14.64 6.12
N ASP A 66 -2.49 15.61 6.82
CA ASP A 66 -3.75 15.34 7.50
C ASP A 66 -4.84 14.97 6.50
N THR A 67 -4.90 15.65 5.35
CA THR A 67 -5.87 15.27 4.32
C THR A 67 -5.56 13.87 3.79
N ALA A 68 -4.28 13.58 3.57
CA ALA A 68 -3.90 12.25 3.11
C ALA A 68 -4.27 11.19 4.14
N ARG A 69 -4.02 11.45 5.42
CA ARG A 69 -4.31 10.47 6.45
C ARG A 69 -5.81 10.22 6.56
N THR A 70 -6.60 11.28 6.60
CA THR A 70 -8.05 11.11 6.74
C THR A 70 -8.61 10.35 5.55
N LEU A 71 -8.17 10.69 4.33
CA LEU A 71 -8.61 9.98 3.15
C LEU A 71 -8.17 8.52 3.17
N PHE A 72 -6.90 8.27 3.51
CA PHE A 72 -6.43 6.90 3.66
C PHE A 72 -7.32 6.12 4.63
N ASN A 73 -7.57 6.69 5.81
CA ASN A 73 -8.36 6.00 6.82
C ASN A 73 -9.76 5.68 6.32
N GLN A 74 -10.38 6.64 5.62
CA GLN A 74 -11.75 6.43 5.15
C GLN A 74 -11.79 5.37 4.06
N VAL A 75 -10.83 5.42 3.12
CA VAL A 75 -10.81 4.43 2.05
C VAL A 75 -10.55 3.04 2.62
N MET A 76 -9.61 2.93 3.56
CA MET A 76 -9.32 1.63 4.16
C MET A 76 -10.53 1.06 4.87
N GLU A 77 -11.21 1.89 5.67
CA GLU A 77 -12.37 1.41 6.41
C GLU A 77 -13.42 0.87 5.44
N LYS A 78 -13.69 1.61 4.36
CA LYS A 78 -14.67 1.14 3.37
C LYS A 78 -14.19 -0.11 2.65
N GLU A 79 -12.89 -0.16 2.31
CA GLU A 79 -12.40 -1.31 1.55
C GLU A 79 -12.54 -2.60 2.33
N PHE A 80 -12.27 -2.56 3.63
CA PHE A 80 -12.23 -3.75 4.47
C PHE A 80 -13.49 -3.94 5.31
N GLU A 81 -14.55 -3.18 5.04
CA GLU A 81 -15.73 -3.19 5.90
C GLU A 81 -16.44 -4.54 5.91
N ASP A 82 -16.26 -5.36 4.87
CA ASP A 82 -16.91 -6.65 4.82
C ASP A 82 -16.16 -7.72 5.61
N GLY A 83 -15.06 -7.36 6.27
CA GLY A 83 -14.32 -8.29 7.09
C GLY A 83 -13.34 -9.17 6.37
N ILE A 84 -13.25 -9.06 5.04
CA ILE A 84 -12.42 -9.97 4.26
C ILE A 84 -11.01 -9.40 4.19
N ILE A 85 -10.02 -10.29 4.37
CA ILE A 85 -8.61 -9.95 4.23
C ILE A 85 -7.95 -10.98 3.33
N ASN A 86 -7.11 -10.50 2.42
CA ASN A 86 -6.37 -11.38 1.53
C ASN A 86 -5.21 -10.57 0.97
N TRP A 87 -4.29 -11.26 0.28
CA TRP A 87 -3.06 -10.60 -0.13
C TRP A 87 -3.32 -9.52 -1.17
N GLY A 88 -4.27 -9.75 -2.09
CA GLY A 88 -4.62 -8.71 -3.05
C GLY A 88 -5.03 -7.41 -2.37
N ARG A 89 -5.89 -7.51 -1.35
CA ARG A 89 -6.29 -6.30 -0.64
C ARG A 89 -5.10 -5.66 0.06
N ILE A 90 -4.21 -6.47 0.63
CA ILE A 90 -3.06 -5.87 1.31
C ILE A 90 -2.17 -5.14 0.30
N VAL A 91 -2.00 -5.71 -0.90
CA VAL A 91 -1.22 -5.03 -1.92
C VAL A 91 -1.83 -3.67 -2.25
N THR A 92 -3.15 -3.58 -2.31
CA THR A 92 -3.77 -2.30 -2.66
C THR A 92 -3.47 -1.22 -1.62
N ILE A 93 -3.18 -1.61 -0.37
CA ILE A 93 -2.81 -0.62 0.64
C ILE A 93 -1.54 0.10 0.23
N PHE A 94 -0.53 -0.67 -0.21
CA PHE A 94 0.71 -0.08 -0.68
C PHE A 94 0.51 0.75 -1.93
N ALA A 95 -0.29 0.25 -2.87
CA ALA A 95 -0.58 1.04 -4.07
C ALA A 95 -1.22 2.37 -3.70
N PHE A 96 -2.12 2.39 -2.72
CA PHE A 96 -2.78 3.64 -2.38
C PHE A 96 -1.83 4.63 -1.71
N GLU A 97 -0.90 4.17 -0.87
CA GLU A 97 0.05 5.13 -0.32
C GLU A 97 0.93 5.70 -1.43
N GLY A 98 1.22 4.93 -2.48
CA GLY A 98 1.95 5.48 -3.61
C GLY A 98 1.16 6.55 -4.34
N ILE A 99 -0.16 6.35 -4.46
CA ILE A 99 -1.01 7.37 -5.08
C ILE A 99 -0.99 8.64 -4.25
N LEU A 100 -1.14 8.48 -2.93
CA LEU A 100 -1.17 9.65 -2.04
C LEU A 100 0.14 10.42 -2.12
N ILE A 101 1.27 9.72 -2.11
CA ILE A 101 2.54 10.46 -2.10
C ILE A 101 2.72 11.19 -3.44
N LYS A 102 2.22 10.63 -4.54
CA LYS A 102 2.32 11.35 -5.82
C LYS A 102 1.41 12.57 -5.85
N LYS A 103 0.22 12.49 -5.25
CA LYS A 103 -0.63 13.67 -5.22
C LYS A 103 -0.07 14.72 -4.26
N LEU A 104 0.48 14.29 -3.12
CA LEU A 104 1.13 15.25 -2.22
C LEU A 104 2.27 15.97 -2.92
N LEU A 105 3.01 15.26 -3.77
CA LEU A 105 4.13 15.88 -4.47
C LEU A 105 3.68 17.02 -5.36
N ARG A 106 2.46 16.96 -5.88
CA ARG A 106 1.94 18.00 -6.75
C ARG A 106 1.15 19.06 -6.01
N GLN A 107 0.60 18.74 -4.83
CA GLN A 107 -0.38 19.62 -4.19
C GLN A 107 -0.10 19.98 -2.73
N GLN A 108 0.85 19.35 -2.06
CA GLN A 108 1.08 19.63 -0.66
C GLN A 108 1.40 21.10 -0.46
N ILE A 109 0.69 21.75 0.46
CA ILE A 109 0.88 23.18 0.68
C ILE A 109 2.23 23.45 1.34
N ALA A 110 2.57 22.67 2.37
CA ALA A 110 3.80 22.86 3.14
C ALA A 110 4.59 21.57 3.09
N PRO A 111 5.39 21.36 2.05
CA PRO A 111 6.16 20.11 1.96
C PRO A 111 7.20 20.02 3.06
N ASP A 112 7.41 18.81 3.57
CA ASP A 112 8.47 18.53 4.53
C ASP A 112 9.19 17.28 4.06
N VAL A 113 10.51 17.24 4.27
CA VAL A 113 11.28 16.12 3.75
C VAL A 113 10.82 14.79 4.34
N ASP A 114 10.22 14.81 5.54
CA ASP A 114 9.80 13.59 6.20
C ASP A 114 8.35 13.20 5.92
N THR A 115 7.69 13.88 4.97
CA THR A 115 6.29 13.55 4.67
C THR A 115 6.11 12.06 4.36
N TYR A 116 6.96 11.49 3.50
CA TYR A 116 6.77 10.09 3.13
C TYR A 116 6.96 9.16 4.34
N LYS A 117 7.75 9.58 5.33
CA LYS A 117 7.87 8.80 6.55
C LYS A 117 6.60 8.86 7.39
N GLU A 118 5.90 10.00 7.38
CA GLU A 118 4.65 10.12 8.12
C GLU A 118 3.56 9.27 7.47
N ILE A 119 3.51 9.26 6.14
CA ILE A 119 2.53 8.46 5.42
C ILE A 119 2.80 6.98 5.68
N SER A 120 4.06 6.56 5.48
CA SER A 120 4.46 5.17 5.77
C SER A 120 4.03 4.75 7.17
N TYR A 121 4.07 5.67 8.13
CA TYR A 121 3.78 5.32 9.50
C TYR A 121 2.32 4.95 9.69
N PHE A 122 1.40 5.82 9.26
CA PHE A 122 0.01 5.48 9.50
C PHE A 122 -0.46 4.36 8.57
N VAL A 123 0.24 4.12 7.46
CA VAL A 123 -0.02 2.95 6.64
C VAL A 123 0.35 1.68 7.41
N ALA A 124 1.55 1.66 7.99
CA ALA A 124 1.97 0.50 8.78
C ALA A 124 1.06 0.29 9.99
N GLU A 125 0.64 1.37 10.66
CA GLU A 125 -0.34 1.26 11.73
C GLU A 125 -1.56 0.47 11.27
N PHE A 126 -2.13 0.85 10.13
CA PHE A 126 -3.36 0.21 9.68
C PHE A 126 -3.11 -1.26 9.35
N ILE A 127 -2.05 -1.54 8.58
CA ILE A 127 -1.76 -2.90 8.20
C ILE A 127 -1.60 -3.78 9.43
N MET A 128 -0.82 -3.30 10.41
CA MET A 128 -0.54 -4.13 11.58
C MET A 128 -1.81 -4.39 12.37
N ASN A 129 -2.56 -3.34 12.69
CA ASN A 129 -3.69 -3.49 13.61
C ASN A 129 -4.91 -4.10 12.95
N ASN A 130 -5.07 -3.96 11.63
CA ASN A 130 -6.26 -4.44 10.96
C ASN A 130 -6.05 -5.72 10.15
N THR A 131 -4.81 -6.01 9.72
CA THR A 131 -4.55 -7.24 8.97
C THR A 131 -3.44 -8.09 9.56
N GLY A 132 -2.80 -7.66 10.65
CA GLY A 132 -1.62 -8.34 11.12
C GLY A 132 -1.87 -9.78 11.54
N GLU A 133 -3.03 -10.05 12.17
N GLU A 133 -3.02 -10.02 12.18
CA GLU A 133 -3.29 -11.41 12.61
CA GLU A 133 -3.36 -11.38 12.62
C GLU A 133 -3.55 -12.33 11.42
C GLU A 133 -3.53 -12.30 11.41
N TRP A 134 -4.27 -11.84 10.40
CA TRP A 134 -4.44 -12.63 9.19
C TRP A 134 -3.09 -12.89 8.52
N ILE A 135 -2.25 -11.85 8.40
CA ILE A 135 -0.94 -12.01 7.79
C ILE A 135 -0.14 -13.11 8.49
N ARG A 136 -0.13 -13.07 9.83
CA ARG A 136 0.64 -14.05 10.59
C ARG A 136 0.12 -15.45 10.35
N GLN A 137 -1.21 -15.63 10.40
CA GLN A 137 -1.80 -16.95 10.22
C GLN A 137 -1.53 -17.52 8.83
N ASN A 138 -1.22 -16.66 7.86
CA ASN A 138 -1.03 -17.09 6.48
C ASN A 138 0.43 -17.06 6.06
N GLY A 139 1.35 -17.13 7.01
CA GLY A 139 2.76 -17.29 6.73
C GLY A 139 3.56 -16.02 6.75
N GLY A 140 2.92 -14.91 7.08
CA GLY A 140 3.64 -13.66 7.08
C GLY A 140 4.12 -13.28 5.70
N TRP A 141 5.08 -12.36 5.71
CA TRP A 141 5.59 -11.82 4.45
C TRP A 141 6.52 -12.79 3.75
N GLU A 142 7.42 -13.42 4.50
CA GLU A 142 8.42 -14.30 3.90
C GLU A 142 7.83 -15.65 3.50
N ASN A 143 6.98 -16.24 4.34
CA ASN A 143 6.44 -17.57 4.06
C ASN A 143 5.03 -17.54 3.50
N GLY A 144 4.46 -16.36 3.32
CA GLY A 144 3.14 -16.21 2.76
C GLY A 144 3.20 -15.40 1.49
N PHE A 145 3.36 -14.08 1.65
CA PHE A 145 3.31 -13.20 0.49
C PHE A 145 4.38 -13.56 -0.53
N VAL A 146 5.64 -13.64 -0.12
CA VAL A 146 6.71 -13.85 -1.10
C VAL A 146 6.51 -15.18 -1.81
N LYS A 147 6.15 -16.22 -1.08
CA LYS A 147 6.00 -17.54 -1.69
C LYS A 147 4.94 -17.50 -2.78
N LYS A 148 3.88 -16.72 -2.57
CA LYS A 148 2.80 -16.70 -3.53
C LYS A 148 3.07 -15.79 -4.72
N PHE A 149 3.82 -14.71 -4.52
CA PHE A 149 3.96 -13.68 -5.55
C PHE A 149 5.33 -13.66 -6.23
N GLU A 150 6.33 -14.35 -5.69
CA GLU A 150 7.63 -14.38 -6.33
C GLU A 150 7.59 -15.15 -7.65
N PRO A 151 8.54 -14.91 -8.54
CA PRO A 151 8.60 -15.69 -9.79
C PRO A 151 8.72 -17.18 -9.55
N LYS A 152 8.17 -17.96 -10.48
CA LYS A 152 8.20 -19.41 -10.36
C LYS A 152 9.48 -19.97 -10.99
C ACE B 1 -22.08 8.70 -1.06
O ACE B 1 -22.34 9.90 -0.97
CH3 ACE B 1 -23.13 7.68 -1.34
N SER B 2 -20.84 8.23 -0.92
CA SER B 2 -19.68 9.07 -0.63
C SER B 2 -18.61 8.87 -1.70
N TYR B 3 -17.83 9.92 -1.97
CA TYR B 3 -16.74 9.79 -2.93
C TYR B 3 -15.73 8.75 -2.48
N VAL B 4 -15.63 8.52 -1.17
CA VAL B 4 -14.75 7.47 -0.65
C VAL B 4 -15.20 6.10 -1.16
N ASP B 5 -16.51 5.90 -1.28
CA ASP B 5 -17.03 4.61 -1.72
C ASP B 5 -16.54 4.27 -3.12
N LYS B 6 -16.48 5.26 -4.00
CA LYS B 6 -16.02 5.05 -5.36
C LYS B 6 -14.58 4.57 -5.39
N ILE B 7 -13.73 5.17 -4.55
CA ILE B 7 -12.33 4.75 -4.48
C ILE B 7 -12.23 3.33 -3.94
N ALA B 8 -12.97 3.06 -2.86
CA ALA B 8 -12.90 1.75 -2.22
C ALA B 8 -13.40 0.66 -3.13
N ASP B 9 -14.43 0.95 -3.94
CA ASP B 9 -14.96 -0.04 -4.87
C ASP B 9 -13.90 -0.46 -5.87
N VAL B 10 -13.19 0.51 -6.45
CA VAL B 10 -12.12 0.17 -7.40
C VAL B 10 -11.04 -0.63 -6.69
N MET B 11 -10.71 -0.26 -5.45
CA MET B 11 -9.70 -0.99 -4.70
C MET B 11 -10.12 -2.43 -4.48
N ARG B 12 -11.37 -2.65 -4.07
CA ARG B 12 -11.85 -4.02 -3.86
C ARG B 12 -11.79 -4.82 -5.15
N GLU B 13 -12.16 -4.20 -6.28
CA GLU B 13 -12.20 -4.93 -7.53
C GLU B 13 -10.82 -5.31 -7.99
N VAL B 14 -9.86 -4.39 -7.92
CA VAL B 14 -8.50 -4.69 -8.33
C VAL B 14 -7.89 -5.74 -7.41
N ALA B 15 -8.19 -5.67 -6.12
CA ALA B 15 -7.65 -6.64 -5.18
C ALA B 15 -8.06 -8.06 -5.56
N GLU B 16 -9.32 -8.27 -5.92
CA GLU B 16 -9.73 -9.63 -6.27
C GLU B 16 -9.18 -10.05 -7.63
N LYS B 17 -8.95 -9.10 -8.54
CA LYS B 17 -8.29 -9.45 -9.79
C LYS B 17 -6.88 -9.94 -9.52
N ILE B 18 -6.17 -9.29 -8.59
CA ILE B 18 -4.83 -9.73 -8.21
C ILE B 18 -4.87 -11.16 -7.71
N ASN B 19 -5.83 -11.47 -6.84
CA ASN B 19 -5.89 -12.82 -6.28
C ASN B 19 -6.15 -13.84 -7.37
N SER B 20 -7.10 -13.55 -8.27
N SER B 20 -7.10 -13.54 -8.27
CA SER B 20 -7.42 -14.51 -9.33
CA SER B 20 -7.43 -14.48 -9.34
C SER B 20 -6.32 -14.56 -10.40
C SER B 20 -6.34 -14.56 -10.39
N ASP B 21 -5.69 -13.42 -10.70
CA ASP B 21 -4.68 -13.40 -11.75
C ASP B 21 -3.45 -14.23 -11.41
N LEU B 22 -3.24 -14.57 -10.13
CA LEU B 22 -2.13 -15.45 -9.78
C LEU B 22 -2.21 -16.79 -10.49
N THR B 23 -3.40 -17.21 -10.93
CA THR B 23 -3.54 -18.46 -11.66
C THR B 23 -3.90 -18.23 -13.12
N NH2 B 24 -3.79 -16.98 -13.57
HN1 NH2 B 24 -3.48 -16.24 -12.95
HN2 NH2 B 24 -4.02 -16.77 -14.53
#